data_5LXP
#
_entry.id   5LXP
#
_cell.length_a   145.400
_cell.length_b   83.680
_cell.length_c   35.050
_cell.angle_alpha   90.00
_cell.angle_beta   95.95
_cell.angle_gamma   90.00
#
_symmetry.space_group_name_H-M   'C 1 2 1'
#
loop_
_entity.id
_entity.type
_entity.pdbx_description
1 polymer 'Poly [ADP-ribose] polymerase 14'
2 non-polymer "~{N}'-(3-aminocarbonylphenyl)-~{N}-[[1-[(2~{R})-2-phenylpropyl]-1,2,3-triazol-4-yl]methyl]pentanediamide"
3 water water
#
_entity_poly.entity_id   1
_entity_poly.type   'polypeptide(L)'
_entity_poly.pdbx_seq_one_letter_code
;SMDMKQQNFCVVELLPSDPEYNTVASKFNQTCSHFRIEKIERIQNPDLWNSYQAKKKTMDAKNGQTMNEKQLFHGTDAGS
VPHVNRNGFNRSYAGKNAVAYGKGTYFAVNANYSANDTYSRPDANGRKHVYYVRVLTGIYTHGNHSLIVPPSKNPQNPTD
LYDTVTDNVHHPSLFVAFYDYQAYPEYLITFRK
;
_entity_poly.pdbx_strand_id   A,B
#
# COMPACT_ATOMS: atom_id res chain seq x y z
N ASP A 3 -0.14 -16.62 -8.83
CA ASP A 3 -1.42 -15.93 -8.61
C ASP A 3 -2.56 -16.94 -8.75
N MET A 4 -3.22 -17.28 -7.63
CA MET A 4 -4.35 -18.24 -7.60
C MET A 4 -5.64 -17.47 -7.25
N LYS A 5 -5.94 -16.42 -8.06
CA LYS A 5 -7.05 -15.48 -7.88
C LYS A 5 -6.85 -14.64 -6.58
N GLN A 6 -5.57 -14.45 -6.16
CA GLN A 6 -5.25 -13.68 -4.97
C GLN A 6 -5.25 -12.20 -5.28
N GLN A 7 -5.24 -11.85 -6.59
CA GLN A 7 -5.22 -10.46 -7.07
C GLN A 7 -3.97 -9.72 -6.54
N ASN A 8 -2.82 -10.41 -6.60
CA ASN A 8 -1.51 -9.87 -6.25
C ASN A 8 -1.23 -8.75 -7.22
N PHE A 9 -0.40 -7.79 -6.82
CA PHE A 9 -0.12 -6.63 -7.64
C PHE A 9 1.32 -6.12 -7.46
N CYS A 10 1.75 -5.29 -8.39
CA CYS A 10 3.02 -4.62 -8.35
C CYS A 10 2.77 -3.13 -8.47
N VAL A 11 3.60 -2.34 -7.82
CA VAL A 11 3.47 -0.89 -7.86
C VAL A 11 4.70 -0.36 -8.59
N VAL A 12 4.47 0.25 -9.76
CA VAL A 12 5.54 0.74 -10.61
C VAL A 12 5.58 2.26 -10.56
N GLU A 13 6.65 2.80 -9.96
CA GLU A 13 6.76 4.26 -9.90
C GLU A 13 7.15 4.80 -11.27
N LEU A 14 6.37 5.73 -11.80
CA LEU A 14 6.71 6.29 -13.11
C LEU A 14 7.83 7.32 -13.01
N LEU A 15 8.76 7.29 -13.95
CA LEU A 15 9.82 8.29 -14.03
C LEU A 15 9.24 9.56 -14.64
N PRO A 16 9.63 10.75 -14.16
CA PRO A 16 9.12 12.01 -14.79
C PRO A 16 9.41 12.14 -16.29
N SER A 17 10.47 11.47 -16.77
CA SER A 17 10.85 11.41 -18.20
C SER A 17 9.90 10.51 -19.02
N ASP A 18 9.08 9.67 -18.38
CA ASP A 18 8.13 8.79 -19.06
C ASP A 18 6.94 9.63 -19.57
N PRO A 19 6.52 9.53 -20.86
CA PRO A 19 5.34 10.29 -21.32
C PRO A 19 4.06 9.99 -20.53
N GLU A 20 3.91 8.76 -19.96
CA GLU A 20 2.75 8.40 -19.14
C GLU A 20 2.65 9.29 -17.89
N TYR A 21 3.78 9.63 -17.28
CA TYR A 21 3.80 10.52 -16.12
C TYR A 21 3.28 11.91 -16.55
N ASN A 22 3.80 12.42 -17.68
CA ASN A 22 3.44 13.73 -18.22
C ASN A 22 1.92 13.76 -18.59
N THR A 23 1.37 12.69 -19.18
CA THR A 23 -0.07 12.61 -19.49
C THR A 23 -0.94 12.65 -18.20
N VAL A 24 -0.59 11.83 -17.18
CA VAL A 24 -1.34 11.77 -15.93
C VAL A 24 -1.21 13.12 -15.20
N ALA A 25 0.03 13.69 -15.12
CA ALA A 25 0.26 15.00 -14.49
C ALA A 25 -0.53 16.11 -15.17
N SER A 26 -0.66 16.12 -16.52
CA SER A 26 -1.42 17.12 -17.26
C SER A 26 -2.91 17.06 -16.98
N LYS A 27 -3.50 15.84 -16.88
CA LYS A 27 -4.93 15.71 -16.58
C LYS A 27 -5.22 16.22 -15.16
N PHE A 28 -4.39 15.81 -14.18
CA PHE A 28 -4.48 16.29 -12.79
C PHE A 28 -4.31 17.82 -12.75
N ASN A 29 -3.32 18.35 -13.48
CA ASN A 29 -3.00 19.78 -13.49
C ASN A 29 -4.06 20.68 -14.15
N GLN A 30 -5.01 20.12 -14.92
CA GLN A 30 -6.10 20.93 -15.50
C GLN A 30 -6.91 21.65 -14.40
N THR A 31 -7.08 20.99 -13.21
CA THR A 31 -7.84 21.61 -12.11
C THR A 31 -7.06 21.62 -10.76
N CYS A 32 -5.85 20.98 -10.69
CA CYS A 32 -5.03 20.88 -9.47
C CYS A 32 -3.61 21.40 -9.64
N SER A 33 -3.38 22.42 -10.48
CA SER A 33 -2.03 22.91 -10.73
C SER A 33 -1.40 23.63 -9.50
N HIS A 34 -2.19 23.98 -8.46
CA HIS A 34 -1.61 24.64 -7.27
C HIS A 34 -1.03 23.63 -6.26
N PHE A 35 -1.34 22.32 -6.44
CA PHE A 35 -0.81 21.22 -5.62
C PHE A 35 0.53 20.78 -6.20
N ARG A 36 1.38 20.13 -5.41
CA ARG A 36 2.63 19.60 -5.93
C ARG A 36 2.60 18.08 -5.88
N ILE A 37 2.89 17.45 -7.02
CA ILE A 37 2.94 16.00 -7.16
C ILE A 37 4.26 15.49 -6.59
N GLU A 38 4.20 14.50 -5.70
CA GLU A 38 5.40 13.86 -5.16
C GLU A 38 5.77 12.63 -6.02
N LYS A 39 4.76 11.89 -6.51
CA LYS A 39 4.99 10.73 -7.35
C LYS A 39 3.70 10.23 -7.98
N ILE A 40 3.86 9.55 -9.12
CA ILE A 40 2.79 8.89 -9.84
C ILE A 40 3.22 7.43 -10.01
N GLU A 41 2.36 6.53 -9.56
CA GLU A 41 2.60 5.10 -9.65
C GLU A 41 1.56 4.41 -10.47
N ARG A 42 1.98 3.42 -11.27
CA ARG A 42 1.05 2.57 -12.01
C ARG A 42 0.78 1.29 -11.18
N ILE A 43 -0.49 0.94 -11.01
CA ILE A 43 -0.89 -0.25 -10.25
C ILE A 43 -1.10 -1.36 -11.24
N GLN A 44 -0.32 -2.46 -11.11
CA GLN A 44 -0.37 -3.59 -12.02
C GLN A 44 -0.85 -4.77 -11.29
N ASN A 45 -2.16 -5.01 -11.40
CA ASN A 45 -2.86 -6.11 -10.76
C ASN A 45 -3.47 -6.98 -11.89
N PRO A 46 -2.77 -8.07 -12.33
CA PRO A 46 -3.27 -8.85 -13.49
C PRO A 46 -4.69 -9.42 -13.36
N ASP A 47 -5.05 -10.01 -12.20
CA ASP A 47 -6.40 -10.56 -11.99
C ASP A 47 -7.45 -9.46 -12.08
N LEU A 48 -7.21 -8.33 -11.40
CA LEU A 48 -8.13 -7.21 -11.44
C LEU A 48 -8.27 -6.63 -12.88
N TRP A 49 -7.15 -6.55 -13.63
CA TRP A 49 -7.13 -6.00 -15.00
C TRP A 49 -7.95 -6.89 -15.96
N ASN A 50 -7.72 -8.21 -15.90
CA ASN A 50 -8.41 -9.23 -16.69
C ASN A 50 -9.90 -9.24 -16.41
N SER A 51 -10.30 -9.09 -15.13
CA SER A 51 -11.71 -9.04 -14.78
C SER A 51 -12.35 -7.75 -15.33
N TYR A 52 -11.65 -6.62 -15.21
CA TYR A 52 -12.10 -5.33 -15.73
C TYR A 52 -12.29 -5.38 -17.27
N GLN A 53 -11.29 -5.98 -17.96
CA GLN A 53 -11.30 -6.15 -19.40
C GLN A 53 -12.42 -7.08 -19.85
N ALA A 54 -12.74 -8.15 -19.06
CA ALA A 54 -13.84 -9.05 -19.41
C ALA A 54 -15.20 -8.30 -19.34
N LYS A 55 -15.35 -7.40 -18.34
CA LYS A 55 -16.56 -6.60 -18.20
C LYS A 55 -16.65 -5.53 -19.33
N LYS A 56 -15.52 -4.92 -19.71
CA LYS A 56 -15.45 -3.92 -20.79
C LYS A 56 -15.88 -4.52 -22.13
N LYS A 57 -15.42 -5.74 -22.41
CA LYS A 57 -15.75 -6.43 -23.64
C LYS A 57 -17.25 -6.78 -23.67
N THR A 58 -17.82 -7.21 -22.52
CA THR A 58 -19.27 -7.49 -22.41
C THR A 58 -20.06 -6.16 -22.63
N MET A 59 -19.59 -5.06 -22.03
CA MET A 59 -20.25 -3.75 -22.14
C MET A 59 -20.16 -3.19 -23.57
N ASP A 60 -19.00 -3.36 -24.24
CA ASP A 60 -18.79 -2.90 -25.62
C ASP A 60 -19.73 -3.62 -26.61
N ALA A 61 -19.98 -4.93 -26.41
CA ALA A 61 -20.84 -5.76 -27.26
C ALA A 61 -22.34 -5.55 -26.98
N LYS A 62 -22.68 -4.86 -25.89
CA LYS A 62 -24.05 -4.59 -25.46
C LYS A 62 -24.51 -3.16 -25.81
N ASN A 63 -23.60 -2.16 -25.71
CA ASN A 63 -23.94 -0.73 -25.83
C ASN A 63 -23.63 -0.07 -27.21
N GLY A 64 -23.40 -0.87 -28.26
CA GLY A 64 -23.17 -0.37 -29.61
C GLY A 64 -22.15 0.76 -29.73
N GLN A 65 -22.57 1.93 -30.24
CA GLN A 65 -21.71 3.10 -30.47
C GLN A 65 -21.18 3.78 -29.19
N THR A 66 -21.78 3.48 -28.02
CA THR A 66 -21.42 4.12 -26.74
C THR A 66 -19.95 3.93 -26.42
N MET A 67 -19.29 5.02 -26.04
CA MET A 67 -17.91 5.00 -25.55
C MET A 67 -18.06 4.69 -24.05
N ASN A 68 -17.87 3.42 -23.69
CA ASN A 68 -18.12 2.91 -22.33
C ASN A 68 -17.14 3.31 -21.24
N GLU A 69 -15.92 3.71 -21.62
CA GLU A 69 -14.90 3.99 -20.62
C GLU A 69 -14.59 5.48 -20.47
N LYS A 70 -14.35 5.88 -19.23
CA LYS A 70 -13.90 7.23 -18.88
C LYS A 70 -12.76 7.11 -17.88
N GLN A 71 -11.84 8.09 -17.89
CA GLN A 71 -10.74 8.14 -16.92
C GLN A 71 -11.11 9.21 -15.91
N LEU A 72 -11.39 8.77 -14.67
CA LEU A 72 -11.90 9.63 -13.60
C LEU A 72 -11.02 9.57 -12.34
N PHE A 73 -11.27 10.49 -11.39
CA PHE A 73 -10.49 10.62 -10.18
C PHE A 73 -11.26 10.13 -8.96
N HIS A 74 -10.51 9.55 -8.01
CA HIS A 74 -11.04 9.05 -6.75
C HIS A 74 -10.02 9.30 -5.69
N GLY A 75 -10.34 10.22 -4.78
CA GLY A 75 -9.50 10.54 -3.64
C GLY A 75 -9.80 9.56 -2.54
N THR A 76 -8.77 9.16 -1.80
CA THR A 76 -8.95 8.25 -0.66
C THR A 76 -7.89 8.49 0.43
N ASP A 77 -8.07 7.90 1.61
CA ASP A 77 -7.05 8.05 2.68
C ASP A 77 -5.88 7.10 2.39
N ALA A 78 -4.69 7.43 2.93
CA ALA A 78 -3.46 6.64 2.81
C ALA A 78 -3.69 5.17 3.22
N GLY A 79 -4.45 4.94 4.31
CA GLY A 79 -4.75 3.60 4.83
C GLY A 79 -5.44 2.62 3.88
N SER A 80 -6.30 3.13 2.98
CA SER A 80 -7.09 2.36 1.99
C SER A 80 -6.32 1.95 0.73
N VAL A 81 -5.13 2.54 0.51
CA VAL A 81 -4.34 2.29 -0.71
C VAL A 81 -3.98 0.79 -0.89
N PRO A 82 -3.44 0.03 0.11
CA PRO A 82 -3.14 -1.39 -0.17
C PRO A 82 -4.40 -2.19 -0.50
N HIS A 83 -5.54 -1.85 0.12
CA HIS A 83 -6.83 -2.52 -0.15
C HIS A 83 -7.32 -2.20 -1.59
N VAL A 84 -7.24 -0.93 -2.04
CA VAL A 84 -7.66 -0.57 -3.40
C VAL A 84 -6.71 -1.24 -4.44
N ASN A 85 -5.40 -1.31 -4.15
CA ASN A 85 -4.46 -1.89 -5.12
C ASN A 85 -4.74 -3.37 -5.37
N ARG A 86 -5.18 -4.08 -4.31
CA ARG A 86 -5.52 -5.50 -4.38
C ARG A 86 -6.96 -5.74 -4.90
N ASN A 87 -7.95 -5.02 -4.34
CA ASN A 87 -9.37 -5.33 -4.62
C ASN A 87 -10.11 -4.30 -5.47
N GLY A 88 -9.44 -3.22 -5.84
CA GLY A 88 -10.10 -2.14 -6.58
C GLY A 88 -11.11 -1.46 -5.69
N PHE A 89 -12.25 -1.08 -6.26
CA PHE A 89 -13.28 -0.43 -5.46
C PHE A 89 -14.47 -1.39 -5.26
N ASN A 90 -14.20 -2.71 -5.47
CA ASN A 90 -15.17 -3.80 -5.31
C ASN A 90 -15.67 -3.94 -3.86
N ARG A 91 -16.97 -4.31 -3.72
CA ARG A 91 -17.71 -4.53 -2.46
C ARG A 91 -17.04 -5.63 -1.61
N TYR A 101 -26.37 9.66 -4.41
CA TYR A 101 -26.73 8.98 -5.66
C TYR A 101 -26.65 7.43 -5.53
N GLY A 102 -26.19 6.92 -4.38
CA GLY A 102 -26.13 5.49 -4.14
C GLY A 102 -25.03 4.95 -3.24
N LYS A 103 -25.13 3.63 -2.92
CA LYS A 103 -24.20 2.83 -2.10
C LYS A 103 -23.12 2.16 -2.98
N GLY A 104 -22.65 2.90 -3.97
CA GLY A 104 -21.61 2.46 -4.86
C GLY A 104 -20.36 3.27 -4.58
N THR A 105 -19.50 3.39 -5.57
CA THR A 105 -18.27 4.15 -5.44
C THR A 105 -18.40 5.41 -6.30
N TYR A 106 -17.97 6.55 -5.75
CA TYR A 106 -18.00 7.85 -6.41
C TYR A 106 -16.72 8.13 -7.16
N PHE A 107 -16.84 8.78 -8.33
CA PHE A 107 -15.69 9.15 -9.14
C PHE A 107 -15.93 10.53 -9.71
N ALA A 108 -14.89 11.38 -9.75
CA ALA A 108 -15.04 12.74 -10.26
C ALA A 108 -14.38 12.91 -11.63
N VAL A 109 -14.98 13.76 -12.47
CA VAL A 109 -14.43 14.15 -13.78
C VAL A 109 -13.15 15.00 -13.53
N ASN A 110 -13.22 15.91 -12.55
CA ASN A 110 -12.13 16.83 -12.23
C ASN A 110 -11.41 16.42 -10.96
N ALA A 111 -10.06 16.35 -11.03
CA ALA A 111 -9.20 16.01 -9.90
C ALA A 111 -9.44 16.94 -8.68
N ASN A 112 -9.70 18.27 -8.92
CA ASN A 112 -9.92 19.25 -7.84
C ASN A 112 -11.02 18.80 -6.88
N TYR A 113 -12.09 18.22 -7.41
CA TYR A 113 -13.19 17.70 -6.60
C TYR A 113 -12.68 16.58 -5.63
N SER A 114 -11.89 15.63 -6.16
CA SER A 114 -11.29 14.51 -5.43
C SER A 114 -10.13 14.96 -4.49
N ALA A 115 -9.48 16.12 -4.78
CA ALA A 115 -8.37 16.68 -3.99
C ALA A 115 -8.87 17.28 -2.69
N ASN A 116 -10.20 17.34 -2.49
CA ASN A 116 -10.82 17.83 -1.24
C ASN A 116 -10.39 16.90 -0.10
N ASP A 117 -10.01 17.49 1.05
CA ASP A 117 -9.54 16.79 2.26
C ASP A 117 -10.56 15.77 2.81
N THR A 118 -11.88 15.94 2.53
CA THR A 118 -12.90 14.96 2.95
C THR A 118 -12.67 13.62 2.24
N TYR A 119 -12.10 13.65 1.03
CA TYR A 119 -11.89 12.45 0.22
C TYR A 119 -10.45 11.99 0.29
N SER A 120 -9.49 12.82 -0.16
CA SER A 120 -8.06 12.50 -0.12
C SER A 120 -7.49 13.14 1.15
N ARG A 121 -7.86 12.58 2.30
CA ARG A 121 -7.45 13.07 3.61
C ARG A 121 -5.93 13.08 3.72
N PRO A 122 -5.33 14.22 4.17
CA PRO A 122 -3.87 14.25 4.33
C PRO A 122 -3.41 13.27 5.41
N ASP A 123 -2.35 12.51 5.15
CA ASP A 123 -1.82 11.56 6.14
C ASP A 123 -0.98 12.34 7.19
N ALA A 124 -0.31 11.64 8.12
CA ALA A 124 0.53 12.26 9.16
C ALA A 124 1.69 13.11 8.59
N ASN A 125 2.10 12.88 7.32
CA ASN A 125 3.19 13.63 6.69
C ASN A 125 2.69 14.70 5.70
N GLY A 126 1.37 14.94 5.67
CA GLY A 126 0.72 15.90 4.79
C GLY A 126 0.48 15.37 3.37
N ARG A 127 0.76 14.08 3.12
CA ARG A 127 0.55 13.53 1.78
C ARG A 127 -0.92 13.18 1.53
N LYS A 128 -1.38 13.47 0.31
CA LYS A 128 -2.72 13.21 -0.16
C LYS A 128 -2.64 12.22 -1.32
N HIS A 129 -3.70 11.40 -1.52
CA HIS A 129 -3.74 10.31 -2.51
C HIS A 129 -5.01 10.30 -3.34
N VAL A 130 -4.83 10.40 -4.66
CA VAL A 130 -5.95 10.38 -5.60
C VAL A 130 -5.59 9.37 -6.68
N TYR A 131 -6.51 8.44 -6.95
CA TYR A 131 -6.38 7.52 -8.06
C TYR A 131 -6.95 8.15 -9.32
N TYR A 132 -6.35 7.82 -10.46
CA TYR A 132 -6.79 8.14 -11.81
C TYR A 132 -7.17 6.78 -12.35
N VAL A 133 -8.47 6.54 -12.44
CA VAL A 133 -9.15 5.25 -12.66
C VAL A 133 -9.85 5.09 -14.02
N ARG A 134 -9.74 3.89 -14.61
CA ARG A 134 -10.52 3.51 -15.81
C ARG A 134 -11.88 3.06 -15.26
N VAL A 135 -12.95 3.76 -15.61
CA VAL A 135 -14.27 3.43 -15.11
C VAL A 135 -15.17 3.12 -16.31
N LEU A 136 -15.91 2.01 -16.22
CA LEU A 136 -16.88 1.62 -17.23
C LEU A 136 -18.18 2.35 -16.91
N THR A 137 -18.30 3.60 -17.38
CA THR A 137 -19.49 4.40 -17.12
C THR A 137 -20.68 3.94 -17.96
N GLY A 138 -20.42 3.30 -19.11
CA GLY A 138 -21.43 2.77 -20.03
C GLY A 138 -22.57 3.73 -20.33
N ILE A 139 -23.81 3.25 -20.12
CA ILE A 139 -25.03 4.03 -20.27
C ILE A 139 -25.41 4.52 -18.88
N TYR A 140 -25.49 5.84 -18.71
CA TYR A 140 -25.78 6.41 -17.40
C TYR A 140 -27.02 7.28 -17.42
N THR A 141 -27.65 7.45 -16.24
CA THR A 141 -28.82 8.32 -16.04
C THR A 141 -28.65 9.14 -14.73
N HIS A 142 -29.62 10.02 -14.41
CA HIS A 142 -29.63 10.80 -13.18
C HIS A 142 -30.09 9.90 -12.02
N GLY A 143 -29.40 9.97 -10.87
CA GLY A 143 -29.69 9.13 -9.72
C GLY A 143 -30.22 9.81 -8.47
N ASN A 144 -30.47 8.99 -7.42
CA ASN A 144 -30.97 9.41 -6.10
C ASN A 144 -30.31 8.57 -4.97
N HIS A 145 -30.33 9.10 -3.73
CA HIS A 145 -29.72 8.60 -2.49
C HIS A 145 -29.78 7.06 -2.25
N SER A 146 -30.99 6.47 -2.18
CA SER A 146 -31.18 5.04 -1.87
C SER A 146 -31.09 4.16 -3.12
N LEU A 147 -29.87 3.71 -3.45
CA LEU A 147 -29.57 2.82 -4.58
C LEU A 147 -28.44 1.85 -4.22
N ILE A 148 -28.71 0.54 -4.27
CA ILE A 148 -27.71 -0.52 -4.03
C ILE A 148 -27.25 -1.05 -5.40
N VAL A 149 -28.10 -0.80 -6.42
CA VAL A 149 -27.97 -1.11 -7.85
C VAL A 149 -28.62 0.06 -8.64
N PRO A 150 -28.15 0.41 -9.86
CA PRO A 150 -28.75 1.53 -10.60
C PRO A 150 -30.22 1.28 -11.01
N PRO A 151 -31.02 2.34 -11.36
CA PRO A 151 -32.43 2.11 -11.74
C PRO A 151 -32.61 1.29 -13.04
N SER A 152 -33.83 0.80 -13.28
CA SER A 152 -34.18 0.00 -14.45
C SER A 152 -34.28 0.85 -15.72
N LYS A 153 -33.90 0.26 -16.86
CA LYS A 153 -33.94 0.90 -18.18
C LYS A 153 -35.35 0.82 -18.78
N ASN A 154 -35.87 -0.42 -18.95
CA ASN A 154 -37.19 -0.71 -19.53
C ASN A 154 -38.18 -1.23 -18.45
N PRO A 155 -39.51 -0.93 -18.54
CA PRO A 155 -40.45 -1.43 -17.52
C PRO A 155 -40.71 -2.94 -17.67
N GLN A 156 -40.87 -3.42 -18.92
CA GLN A 156 -41.12 -4.83 -19.25
C GLN A 156 -39.87 -5.69 -18.97
N ASN A 157 -38.67 -5.09 -19.12
CA ASN A 157 -37.39 -5.75 -18.88
C ASN A 157 -36.62 -4.99 -17.75
N PRO A 158 -36.98 -5.20 -16.46
CA PRO A 158 -36.30 -4.46 -15.38
C PRO A 158 -34.96 -5.07 -14.95
N THR A 159 -34.61 -6.27 -15.45
CA THR A 159 -33.35 -6.98 -15.14
C THR A 159 -32.16 -6.23 -15.78
N ASP A 160 -32.38 -5.56 -16.93
CA ASP A 160 -31.37 -4.75 -17.61
C ASP A 160 -31.35 -3.36 -16.96
N LEU A 161 -30.31 -3.11 -16.14
CA LEU A 161 -30.15 -1.86 -15.39
C LEU A 161 -29.02 -1.00 -15.95
N TYR A 162 -29.06 0.33 -15.66
CA TYR A 162 -28.06 1.31 -16.06
C TYR A 162 -26.65 0.93 -15.55
N ASP A 163 -25.61 1.34 -16.27
CA ASP A 163 -24.24 1.02 -15.87
C ASP A 163 -23.78 1.89 -14.68
N THR A 164 -24.03 3.21 -14.73
CA THR A 164 -23.66 4.15 -13.67
C THR A 164 -24.74 5.20 -13.52
N VAL A 165 -24.64 6.03 -12.47
CA VAL A 165 -25.53 7.16 -12.28
C VAL A 165 -24.64 8.41 -12.24
N THR A 166 -25.15 9.54 -12.70
CA THR A 166 -24.41 10.80 -12.71
C THR A 166 -25.25 11.89 -12.05
N ASP A 167 -24.62 13.06 -11.78
CA ASP A 167 -25.29 14.23 -11.19
C ASP A 167 -26.04 15.04 -12.26
N ASN A 168 -25.54 15.00 -13.51
CA ASN A 168 -26.10 15.74 -14.64
C ASN A 168 -25.79 14.98 -15.93
N VAL A 169 -26.82 14.41 -16.58
CA VAL A 169 -26.67 13.57 -17.78
C VAL A 169 -26.06 14.36 -18.97
N HIS A 170 -26.35 15.67 -19.10
CA HIS A 170 -25.84 16.48 -20.21
C HIS A 170 -24.41 16.97 -19.99
N HIS A 171 -24.08 17.35 -18.75
CA HIS A 171 -22.76 17.86 -18.37
C HIS A 171 -22.33 17.16 -17.06
N PRO A 172 -21.86 15.89 -17.15
CA PRO A 172 -21.50 15.16 -15.93
C PRO A 172 -20.26 15.68 -15.23
N SER A 173 -20.34 15.76 -13.89
CA SER A 173 -19.19 16.15 -13.07
C SER A 173 -18.77 14.96 -12.19
N LEU A 174 -19.70 14.05 -11.90
CA LEU A 174 -19.40 12.87 -11.11
C LEU A 174 -20.21 11.66 -11.56
N PHE A 175 -19.70 10.47 -11.24
CA PHE A 175 -20.31 9.19 -11.57
C PHE A 175 -20.28 8.25 -10.37
N VAL A 176 -21.32 7.40 -10.26
CA VAL A 176 -21.43 6.40 -9.22
C VAL A 176 -21.49 5.02 -9.89
N ALA A 177 -20.51 4.14 -9.58
CA ALA A 177 -20.44 2.77 -10.09
C ALA A 177 -20.93 1.82 -8.99
N PHE A 178 -21.71 0.80 -9.34
CA PHE A 178 -22.29 -0.10 -8.35
C PHE A 178 -21.85 -1.55 -8.49
N TYR A 179 -21.18 -1.89 -9.60
CA TYR A 179 -20.82 -3.27 -9.87
C TYR A 179 -19.35 -3.56 -9.65
N ASP A 180 -19.05 -4.84 -9.45
CA ASP A 180 -17.68 -5.31 -9.26
C ASP A 180 -16.97 -5.29 -10.61
N TYR A 181 -15.68 -4.97 -10.58
CA TYR A 181 -14.77 -4.94 -11.73
C TYR A 181 -15.20 -3.91 -12.81
N GLN A 182 -15.89 -2.86 -12.38
CA GLN A 182 -16.36 -1.75 -13.23
C GLN A 182 -15.30 -0.60 -13.24
N ALA A 183 -14.32 -0.67 -12.34
CA ALA A 183 -13.27 0.34 -12.19
C ALA A 183 -11.90 -0.29 -12.00
N TYR A 184 -10.88 0.20 -12.72
CA TYR A 184 -9.51 -0.29 -12.56
C TYR A 184 -8.66 0.88 -12.03
N PRO A 185 -8.04 0.72 -10.82
CA PRO A 185 -7.28 1.84 -10.23
C PRO A 185 -5.89 1.94 -10.86
N GLU A 186 -5.82 2.43 -12.09
CA GLU A 186 -4.58 2.39 -12.87
C GLU A 186 -3.42 3.21 -12.28
N TYR A 187 -3.66 4.46 -11.90
CA TYR A 187 -2.59 5.29 -11.41
C TYR A 187 -2.91 5.84 -10.05
N LEU A 188 -1.89 5.90 -9.20
CA LEU A 188 -1.99 6.52 -7.91
C LEU A 188 -1.14 7.78 -7.90
N ILE A 189 -1.75 8.92 -7.63
CA ILE A 189 -1.07 10.22 -7.55
C ILE A 189 -0.92 10.58 -6.07
N THR A 190 0.32 10.75 -5.63
CA THR A 190 0.64 11.19 -4.26
C THR A 190 1.07 12.62 -4.42
N PHE A 191 0.49 13.51 -3.61
CA PHE A 191 0.74 14.93 -3.76
C PHE A 191 0.48 15.66 -2.43
N ARG A 192 0.79 16.96 -2.37
CA ARG A 192 0.56 17.75 -1.17
C ARG A 192 0.13 19.16 -1.55
N LYS A 193 -0.39 19.93 -0.57
CA LYS A 193 -0.86 21.31 -0.73
C LYS A 193 0.28 22.28 -1.08
N MET B 2 14.95 -5.15 -13.98
CA MET B 2 15.58 -3.90 -13.58
C MET B 2 14.50 -2.83 -13.41
N ASP B 3 14.76 -1.91 -12.48
CA ASP B 3 13.89 -0.90 -11.92
C ASP B 3 14.24 0.56 -12.26
N MET B 4 15.54 0.85 -12.48
CA MET B 4 16.14 2.19 -12.64
C MET B 4 16.30 2.78 -11.22
N LYS B 5 16.51 1.85 -10.24
CA LYS B 5 16.69 2.05 -8.79
C LYS B 5 15.44 2.74 -8.13
N GLN B 6 14.24 2.52 -8.72
CA GLN B 6 12.97 3.10 -8.22
C GLN B 6 12.44 2.37 -7.01
N GLN B 7 12.96 1.16 -6.73
CA GLN B 7 12.57 0.29 -5.61
C GLN B 7 11.08 -0.09 -5.71
N ASN B 8 10.66 -0.41 -6.94
CA ASN B 8 9.33 -0.92 -7.24
C ASN B 8 9.16 -2.22 -6.50
N PHE B 9 7.94 -2.56 -6.18
CA PHE B 9 7.69 -3.76 -5.41
C PHE B 9 6.42 -4.44 -5.86
N CYS B 10 6.29 -5.70 -5.45
CA CYS B 10 5.11 -6.52 -5.66
C CYS B 10 4.68 -7.03 -4.30
N VAL B 11 3.38 -7.24 -4.13
CA VAL B 11 2.84 -7.70 -2.85
C VAL B 11 2.20 -9.05 -3.16
N VAL B 12 2.73 -10.14 -2.56
CA VAL B 12 2.26 -11.48 -2.86
C VAL B 12 1.57 -12.05 -1.63
N GLU B 13 0.26 -12.28 -1.72
CA GLU B 13 -0.47 -12.83 -0.58
C GLU B 13 -0.15 -14.33 -0.46
N LEU B 14 0.34 -14.74 0.71
CA LEU B 14 0.68 -16.14 0.97
C LEU B 14 -0.58 -16.96 1.17
N LEU B 15 -0.62 -18.12 0.53
CA LEU B 15 -1.77 -19.03 0.70
C LEU B 15 -1.61 -19.75 2.02
N PRO B 16 -2.69 -19.89 2.81
CA PRO B 16 -2.60 -20.67 4.07
C PRO B 16 -2.09 -22.10 3.87
N SER B 17 -2.25 -22.67 2.65
CA SER B 17 -1.80 -24.01 2.25
C SER B 17 -0.26 -24.10 2.05
N ASP B 18 0.44 -22.94 1.94
CA ASP B 18 1.89 -22.77 1.75
C ASP B 18 2.60 -22.90 3.11
N PRO B 19 3.75 -23.60 3.20
CA PRO B 19 4.49 -23.65 4.48
C PRO B 19 4.94 -22.28 4.98
N GLU B 20 5.24 -21.32 4.06
CA GLU B 20 5.69 -19.96 4.40
C GLU B 20 4.68 -19.24 5.31
N TYR B 21 3.39 -19.29 4.96
CA TYR B 21 2.34 -18.70 5.77
C TYR B 21 2.42 -19.30 7.20
N ASN B 22 2.43 -20.64 7.31
CA ASN B 22 2.45 -21.34 8.59
C ASN B 22 3.73 -21.06 9.42
N THR B 23 4.88 -20.89 8.80
CA THR B 23 6.10 -20.49 9.53
C THR B 23 5.95 -19.06 10.12
N VAL B 24 5.41 -18.10 9.33
CA VAL B 24 5.26 -16.71 9.81
C VAL B 24 4.17 -16.69 10.89
N ALA B 25 3.02 -17.36 10.64
CA ALA B 25 1.90 -17.47 11.58
C ALA B 25 2.33 -18.10 12.90
N SER B 26 3.18 -19.16 12.88
CA SER B 26 3.67 -19.84 14.10
C SER B 26 4.54 -18.94 14.94
N LYS B 27 5.36 -18.09 14.29
CA LYS B 27 6.24 -17.15 15.02
C LYS B 27 5.41 -16.04 15.69
N PHE B 28 4.41 -15.50 14.97
CA PHE B 28 3.46 -14.51 15.47
C PHE B 28 2.66 -15.10 16.63
N ASN B 29 2.21 -16.37 16.48
CA ASN B 29 1.36 -17.08 17.46
C ASN B 29 2.07 -17.46 18.75
N GLN B 30 3.43 -17.41 18.80
CA GLN B 30 4.15 -17.67 20.07
C GLN B 30 3.67 -16.70 21.17
N THR B 31 3.29 -15.46 20.81
CA THR B 31 2.85 -14.47 21.80
C THR B 31 1.51 -13.78 21.40
N CYS B 32 1.02 -13.98 20.15
CA CYS B 32 -0.24 -13.38 19.67
C CYS B 32 -1.29 -14.43 19.26
N SER B 33 -1.32 -15.61 19.89
CA SER B 33 -2.32 -16.63 19.51
C SER B 33 -3.78 -16.21 19.83
N HIS B 34 -3.99 -15.13 20.62
CA HIS B 34 -5.34 -14.66 20.92
C HIS B 34 -5.85 -13.66 19.86
N PHE B 35 -4.97 -13.21 18.94
CA PHE B 35 -5.38 -12.38 17.81
C PHE B 35 -5.72 -13.34 16.65
N ARG B 36 -6.32 -12.82 15.57
CA ARG B 36 -6.67 -13.60 14.39
C ARG B 36 -6.10 -12.94 13.16
N ILE B 37 -5.28 -13.69 12.40
CA ILE B 37 -4.63 -13.20 11.18
C ILE B 37 -5.64 -13.21 10.04
N GLU B 38 -5.72 -12.10 9.32
CA GLU B 38 -6.56 -11.89 8.13
C GLU B 38 -5.79 -12.36 6.91
N LYS B 39 -4.51 -11.95 6.79
CA LYS B 39 -3.64 -12.32 5.69
C LYS B 39 -2.19 -12.05 6.01
N ILE B 40 -1.32 -12.75 5.29
CA ILE B 40 0.13 -12.60 5.32
C ILE B 40 0.56 -12.41 3.89
N GLU B 41 1.29 -11.32 3.64
CA GLU B 41 1.81 -10.96 2.33
C GLU B 41 3.34 -10.86 2.35
N ARG B 42 3.97 -11.38 1.32
CA ARG B 42 5.41 -11.25 1.11
C ARG B 42 5.65 -9.97 0.27
N ILE B 43 6.55 -9.11 0.72
CA ILE B 43 6.92 -7.89 0.01
C ILE B 43 8.13 -8.18 -0.83
N GLN B 44 7.99 -8.07 -2.16
CA GLN B 44 9.10 -8.36 -3.07
C GLN B 44 9.56 -7.08 -3.70
N ASN B 45 10.65 -6.54 -3.15
CA ASN B 45 11.24 -5.31 -3.61
C ASN B 45 12.71 -5.64 -4.02
N PRO B 46 13.00 -5.94 -5.32
CA PRO B 46 14.38 -6.34 -5.70
C PRO B 46 15.48 -5.34 -5.33
N ASP B 47 15.25 -4.04 -5.50
CA ASP B 47 16.29 -3.05 -5.18
C ASP B 47 16.56 -2.99 -3.69
N LEU B 48 15.51 -3.01 -2.88
CA LEU B 48 15.62 -2.97 -1.42
C LEU B 48 16.33 -4.24 -0.91
N TRP B 49 16.02 -5.38 -1.51
CA TRP B 49 16.59 -6.68 -1.17
C TRP B 49 18.09 -6.73 -1.47
N ASN B 50 18.50 -6.32 -2.69
CA ASN B 50 19.89 -6.29 -3.15
C ASN B 50 20.73 -5.38 -2.29
N SER B 51 20.17 -4.23 -1.88
CA SER B 51 20.87 -3.31 -0.99
C SER B 51 21.02 -3.90 0.42
N TYR B 52 19.98 -4.57 0.91
CA TYR B 52 20.01 -5.23 2.22
C TYR B 52 21.06 -6.38 2.22
N GLN B 53 21.10 -7.16 1.12
CA GLN B 53 22.02 -8.28 0.98
C GLN B 53 23.47 -7.79 0.87
N ALA B 54 23.70 -6.62 0.26
CA ALA B 54 25.07 -6.06 0.17
C ALA B 54 25.50 -5.61 1.59
N LYS B 55 24.57 -5.02 2.37
CA LYS B 55 24.88 -4.65 3.76
C LYS B 55 25.15 -5.92 4.61
N LYS B 56 24.39 -7.01 4.39
CA LYS B 56 24.56 -8.27 5.12
C LYS B 56 25.95 -8.87 4.84
N LYS B 57 26.36 -8.87 3.55
CA LYS B 57 27.67 -9.39 3.15
C LYS B 57 28.82 -8.61 3.85
N THR B 58 28.73 -7.28 3.90
CA THR B 58 29.74 -6.42 4.55
C THR B 58 29.80 -6.69 6.07
N MET B 59 28.62 -6.83 6.72
CA MET B 59 28.51 -7.07 8.15
C MET B 59 29.05 -8.45 8.52
N ASP B 60 28.78 -9.46 7.68
CA ASP B 60 29.27 -10.83 7.83
C ASP B 60 30.81 -10.88 7.73
N ALA B 61 31.42 -10.04 6.87
CA ALA B 61 32.87 -9.98 6.71
C ALA B 61 33.57 -9.29 7.87
N LYS B 62 32.85 -8.46 8.64
CA LYS B 62 33.40 -7.64 9.70
C LYS B 62 33.21 -8.24 11.14
N ASN B 63 32.12 -8.96 11.38
CA ASN B 63 31.71 -9.42 12.71
C ASN B 63 32.05 -10.87 13.12
N GLY B 64 32.97 -11.54 12.41
CA GLY B 64 33.41 -12.88 12.75
C GLY B 64 32.32 -13.91 12.99
N GLN B 65 32.34 -14.59 14.15
CA GLN B 65 31.37 -15.64 14.52
C GLN B 65 29.93 -15.13 14.75
N THR B 66 29.72 -13.80 14.87
CA THR B 66 28.40 -13.21 15.15
C THR B 66 27.34 -13.60 14.13
N MET B 67 26.14 -13.99 14.62
CA MET B 67 24.92 -14.24 13.84
C MET B 67 24.33 -12.85 13.68
N ASN B 68 24.56 -12.23 12.53
CA ASN B 68 24.21 -10.83 12.30
C ASN B 68 22.75 -10.51 12.08
N GLU B 69 21.94 -11.50 11.68
CA GLU B 69 20.55 -11.29 11.33
C GLU B 69 19.58 -11.89 12.32
N LYS B 70 18.49 -11.16 12.58
CA LYS B 70 17.37 -11.62 13.38
C LYS B 70 16.07 -11.31 12.64
N GLN B 71 15.03 -12.12 12.88
CA GLN B 71 13.71 -11.84 12.31
C GLN B 71 12.87 -11.22 13.44
N LEU B 72 12.56 -9.93 13.31
CA LEU B 72 11.89 -9.13 14.36
C LEU B 72 10.58 -8.54 13.86
N PHE B 73 9.78 -7.99 14.77
CA PHE B 73 8.46 -7.46 14.47
C PHE B 73 8.43 -5.95 14.56
N HIS B 74 7.59 -5.32 13.72
CA HIS B 74 7.41 -3.88 13.71
C HIS B 74 5.97 -3.53 13.37
N GLY B 75 5.25 -3.01 14.36
CA GLY B 75 3.87 -2.58 14.20
C GLY B 75 3.85 -1.22 13.57
N THR B 76 2.86 -0.96 12.70
CA THR B 76 2.74 0.33 12.01
C THR B 76 1.29 0.64 11.71
N ASP B 77 0.98 1.91 11.40
CA ASP B 77 -0.38 2.31 11.02
C ASP B 77 -0.60 1.87 9.57
N ALA B 78 -1.88 1.68 9.17
CA ALA B 78 -2.26 1.26 7.80
C ALA B 78 -1.65 2.19 6.73
N GLY B 79 -1.62 3.49 7.01
CA GLY B 79 -1.13 4.53 6.12
C GLY B 79 0.33 4.47 5.71
N SER B 80 1.19 3.88 6.56
CA SER B 80 2.64 3.78 6.35
C SER B 80 3.06 2.59 5.50
N VAL B 81 2.15 1.64 5.27
CA VAL B 81 2.41 0.39 4.53
C VAL B 81 2.95 0.67 3.11
N PRO B 82 2.36 1.56 2.25
CA PRO B 82 2.96 1.78 0.93
C PRO B 82 4.37 2.39 1.01
N HIS B 83 4.64 3.24 2.00
CA HIS B 83 5.96 3.85 2.19
C HIS B 83 6.99 2.79 2.63
N VAL B 84 6.63 1.89 3.58
CA VAL B 84 7.54 0.83 4.05
C VAL B 84 7.81 -0.17 2.90
N ASN B 85 6.80 -0.51 2.11
CA ASN B 85 6.96 -1.49 1.00
C ASN B 85 7.98 -1.00 -0.06
N ARG B 86 8.03 0.30 -0.28
CA ARG B 86 8.95 0.89 -1.26
C ARG B 86 10.29 1.27 -0.64
N ASN B 87 10.28 1.87 0.57
CA ASN B 87 11.52 2.43 1.14
C ASN B 87 12.09 1.68 2.34
N GLY B 88 11.41 0.64 2.79
CA GLY B 88 11.82 -0.06 3.99
C GLY B 88 11.61 0.88 5.16
N PHE B 89 12.55 0.88 6.08
CA PHE B 89 12.49 1.77 7.24
C PHE B 89 13.59 2.85 7.11
N ASN B 90 14.07 3.09 5.87
CA ASN B 90 15.13 4.06 5.54
C ASN B 90 14.71 5.51 5.81
N ARG B 91 15.72 6.39 6.05
CA ARG B 91 15.55 7.82 6.34
C ARG B 91 14.99 8.57 5.13
N LYS B 103 16.53 7.85 17.50
CA LYS B 103 15.97 8.42 16.27
C LYS B 103 15.99 7.39 15.12
N GLY B 104 16.19 6.13 15.47
CA GLY B 104 16.19 5.03 14.52
C GLY B 104 14.83 4.37 14.47
N THR B 105 14.78 3.13 14.00
CA THR B 105 13.55 2.34 13.92
C THR B 105 13.59 1.27 15.02
N TYR B 106 12.49 1.12 15.74
CA TYR B 106 12.36 0.15 16.81
C TYR B 106 11.78 -1.17 16.29
N PHE B 107 12.32 -2.28 16.78
CA PHE B 107 11.87 -3.62 16.40
C PHE B 107 11.74 -4.48 17.64
N ALA B 108 10.74 -5.36 17.67
CA ALA B 108 10.52 -6.21 18.84
C ALA B 108 10.77 -7.67 18.53
N VAL B 109 11.34 -8.40 19.51
CA VAL B 109 11.58 -9.85 19.41
C VAL B 109 10.21 -10.58 19.44
N ASN B 110 9.28 -10.08 20.28
CA ASN B 110 7.96 -10.70 20.46
C ASN B 110 6.89 -9.89 19.77
N ALA B 111 6.07 -10.56 18.92
CA ALA B 111 5.00 -9.89 18.15
C ALA B 111 4.00 -9.17 19.05
N ASN B 112 3.75 -9.68 20.28
CA ASN B 112 2.76 -9.06 21.18
C ASN B 112 3.19 -7.64 21.58
N TYR B 113 4.49 -7.34 21.60
CA TYR B 113 4.95 -5.98 21.90
C TYR B 113 4.49 -5.01 20.78
N SER B 114 4.73 -5.40 19.51
CA SER B 114 4.36 -4.65 18.29
C SER B 114 2.84 -4.63 18.06
N ALA B 115 2.10 -5.66 18.58
CA ALA B 115 0.64 -5.79 18.46
C ALA B 115 -0.07 -4.79 19.37
N ASN B 116 0.65 -4.00 20.16
CA ASN B 116 0.05 -2.96 21.01
C ASN B 116 -0.56 -1.92 20.10
N ASP B 117 -1.80 -1.48 20.37
CA ASP B 117 -2.50 -0.49 19.56
C ASP B 117 -1.71 0.83 19.39
N THR B 118 -0.72 1.08 20.25
CA THR B 118 0.17 2.25 20.19
C THR B 118 1.06 2.18 18.93
N TYR B 119 1.46 0.97 18.53
CA TYR B 119 2.35 0.78 17.39
C TYR B 119 1.57 0.29 16.16
N SER B 120 0.77 -0.77 16.31
CA SER B 120 -0.06 -1.27 15.20
C SER B 120 -1.49 -0.75 15.43
N ARG B 121 -1.67 0.55 15.18
CA ARG B 121 -2.95 1.23 15.37
C ARG B 121 -4.06 0.55 14.56
N PRO B 122 -5.20 0.16 15.20
CA PRO B 122 -6.30 -0.41 14.43
C PRO B 122 -6.86 0.63 13.46
N ASP B 123 -7.08 0.24 12.19
CA ASP B 123 -7.63 1.18 11.23
C ASP B 123 -9.16 1.30 11.43
N ALA B 124 -9.85 2.02 10.54
CA ALA B 124 -11.31 2.22 10.58
C ALA B 124 -12.09 0.89 10.60
N ASN B 125 -11.55 -0.19 10.00
CA ASN B 125 -12.20 -1.50 9.95
C ASN B 125 -11.70 -2.46 11.07
N GLY B 126 -10.84 -1.96 11.95
CA GLY B 126 -10.27 -2.74 13.05
C GLY B 126 -9.07 -3.59 12.65
N ARG B 127 -8.55 -3.41 11.42
CA ARG B 127 -7.37 -4.15 10.96
C ARG B 127 -6.09 -3.53 11.54
N LYS B 128 -5.18 -4.40 11.99
CA LYS B 128 -3.89 -4.08 12.60
C LYS B 128 -2.79 -4.63 11.71
N HIS B 129 -1.64 -3.92 11.60
CA HIS B 129 -0.53 -4.29 10.72
C HIS B 129 0.82 -4.34 11.43
N VAL B 130 1.45 -5.50 11.36
CA VAL B 130 2.77 -5.75 11.91
C VAL B 130 3.61 -6.39 10.79
N TYR B 131 4.80 -5.85 10.57
CA TYR B 131 5.76 -6.47 9.66
C TYR B 131 6.62 -7.47 10.40
N TYR B 132 7.00 -8.56 9.72
CA TYR B 132 7.96 -9.57 10.20
C TYR B 132 9.17 -9.29 9.33
N VAL B 133 10.19 -8.65 9.95
CA VAL B 133 11.35 -8.02 9.31
C VAL B 133 12.69 -8.72 9.54
N ARG B 134 13.48 -8.85 8.48
CA ARG B 134 14.85 -9.31 8.55
C ARG B 134 15.66 -8.10 8.97
N VAL B 135 16.28 -8.14 10.16
CA VAL B 135 17.04 -7.00 10.67
C VAL B 135 18.50 -7.43 10.90
N LEU B 136 19.43 -6.60 10.41
CA LEU B 136 20.87 -6.80 10.62
C LEU B 136 21.24 -6.21 12.00
N THR B 137 21.02 -7.00 13.05
CA THR B 137 21.29 -6.58 14.42
C THR B 137 22.80 -6.52 14.71
N GLY B 138 23.61 -7.35 14.02
CA GLY B 138 25.07 -7.41 14.15
C GLY B 138 25.55 -7.42 15.59
N ILE B 139 26.46 -6.50 15.90
CA ILE B 139 26.98 -6.35 17.25
C ILE B 139 26.21 -5.21 17.87
N TYR B 140 25.60 -5.47 19.02
CA TYR B 140 24.77 -4.46 19.68
C TYR B 140 25.18 -4.20 21.12
N THR B 141 24.75 -3.07 21.67
CA THR B 141 25.04 -2.68 23.05
C THR B 141 23.74 -2.08 23.65
N HIS B 142 23.74 -1.69 24.93
CA HIS B 142 22.60 -1.02 25.55
C HIS B 142 22.54 0.42 25.03
N GLY B 143 21.34 0.89 24.70
CA GLY B 143 21.18 2.25 24.18
C GLY B 143 20.40 3.21 25.05
N ASN B 144 20.47 4.50 24.69
CA ASN B 144 19.74 5.58 25.37
C ASN B 144 19.00 6.47 24.35
N HIS B 145 18.12 7.35 24.85
CA HIS B 145 17.22 8.27 24.15
C HIS B 145 17.79 8.90 22.84
N SER B 146 18.57 10.00 22.94
CA SER B 146 19.11 10.79 21.84
C SER B 146 20.27 10.12 21.12
N LEU B 147 19.93 9.29 20.13
CA LEU B 147 20.88 8.61 19.25
C LEU B 147 20.40 8.75 17.81
N ILE B 148 21.18 9.45 16.98
CA ILE B 148 20.89 9.62 15.54
C ILE B 148 21.61 8.48 14.81
N VAL B 149 22.65 7.95 15.49
CA VAL B 149 23.54 6.85 15.14
C VAL B 149 23.90 6.07 16.43
N PRO B 150 24.32 4.78 16.37
CA PRO B 150 24.66 4.06 17.61
C PRO B 150 25.97 4.55 18.26
N PRO B 151 26.28 4.21 19.54
CA PRO B 151 27.55 4.68 20.15
C PRO B 151 28.81 4.08 19.51
N SER B 152 29.98 4.59 19.90
CA SER B 152 31.27 4.11 19.40
C SER B 152 31.69 2.84 20.16
N LYS B 153 32.43 1.95 19.48
CA LYS B 153 32.94 0.71 20.06
C LYS B 153 34.26 0.97 20.82
N ASN B 154 35.23 1.63 20.16
CA ASN B 154 36.55 1.95 20.71
C ASN B 154 36.78 3.47 20.81
N PRO B 155 37.52 4.00 21.84
CA PRO B 155 37.74 5.45 21.92
C PRO B 155 38.76 5.97 20.89
N GLN B 156 39.85 5.21 20.66
CA GLN B 156 40.90 5.56 19.69
C GLN B 156 40.38 5.52 18.24
N ASN B 157 39.41 4.62 17.97
CA ASN B 157 38.75 4.47 16.68
C ASN B 157 37.24 4.75 16.87
N PRO B 158 36.82 6.04 16.95
CA PRO B 158 35.39 6.34 17.18
C PRO B 158 34.50 6.18 15.95
N THR B 159 35.11 6.04 14.75
CA THR B 159 34.41 5.87 13.47
C THR B 159 33.69 4.52 13.41
N ASP B 160 34.24 3.48 14.07
CA ASP B 160 33.63 2.15 14.13
C ASP B 160 32.57 2.13 15.23
N LEU B 161 31.30 2.02 14.82
CA LEU B 161 30.16 2.05 15.72
C LEU B 161 29.46 0.69 15.80
N TYR B 162 28.62 0.52 16.83
CA TYR B 162 27.77 -0.64 17.01
C TYR B 162 26.77 -0.74 15.85
N ASP B 163 26.29 -1.94 15.53
CA ASP B 163 25.33 -2.05 14.44
C ASP B 163 23.92 -1.61 14.88
N THR B 164 23.53 -1.97 16.13
CA THR B 164 22.21 -1.63 16.71
C THR B 164 22.34 -1.42 18.22
N VAL B 165 21.25 -0.95 18.85
CA VAL B 165 21.21 -0.82 20.30
C VAL B 165 20.02 -1.68 20.78
N THR B 166 20.10 -2.19 22.02
CA THR B 166 19.05 -3.04 22.59
C THR B 166 18.67 -2.55 24.00
N ASP B 167 17.54 -3.04 24.54
CA ASP B 167 17.08 -2.73 25.90
C ASP B 167 17.89 -3.52 26.94
N ASN B 168 18.39 -4.72 26.56
CA ASN B 168 19.13 -5.62 27.43
C ASN B 168 20.05 -6.50 26.58
N VAL B 169 21.38 -6.29 26.69
CA VAL B 169 22.40 -6.97 25.90
C VAL B 169 22.36 -8.51 26.08
N HIS B 170 22.08 -9.00 27.29
CA HIS B 170 22.07 -10.45 27.55
C HIS B 170 20.73 -11.11 27.22
N HIS B 171 19.59 -10.42 27.45
CA HIS B 171 18.27 -10.99 27.11
C HIS B 171 17.48 -9.93 26.32
N PRO B 172 17.82 -9.78 25.02
CA PRO B 172 17.16 -8.73 24.23
C PRO B 172 15.70 -8.99 23.95
N SER B 173 14.91 -7.95 24.12
CA SER B 173 13.49 -7.99 23.77
C SER B 173 13.24 -6.93 22.67
N LEU B 174 14.07 -5.86 22.62
CA LEU B 174 13.90 -4.74 21.69
C LEU B 174 15.22 -4.33 21.05
N PHE B 175 15.18 -3.91 19.76
CA PHE B 175 16.34 -3.42 19.04
C PHE B 175 16.03 -2.13 18.31
N VAL B 176 17.04 -1.27 18.16
CA VAL B 176 16.92 -0.03 17.40
C VAL B 176 17.98 -0.08 16.31
N ALA B 177 17.56 0.08 15.04
CA ALA B 177 18.46 0.15 13.88
C ALA B 177 18.53 1.61 13.43
N PHE B 178 19.69 2.09 12.94
CA PHE B 178 19.86 3.49 12.56
C PHE B 178 20.29 3.71 11.12
N TYR B 179 20.77 2.66 10.45
CA TYR B 179 21.30 2.79 9.11
C TYR B 179 20.32 2.38 8.02
N ASP B 180 20.58 2.89 6.82
CA ASP B 180 19.84 2.57 5.63
C ASP B 180 20.19 1.14 5.19
N TYR B 181 19.15 0.40 4.76
CA TYR B 181 19.23 -0.96 4.21
C TYR B 181 19.67 -2.01 5.28
N GLN B 182 19.44 -1.69 6.56
CA GLN B 182 19.72 -2.54 7.72
C GLN B 182 18.51 -3.50 8.04
N ALA B 183 17.34 -3.20 7.48
CA ALA B 183 16.10 -3.95 7.71
C ALA B 183 15.32 -4.18 6.42
N TYR B 184 14.86 -5.40 6.19
CA TYR B 184 14.08 -5.71 5.00
C TYR B 184 12.68 -6.14 5.45
N PRO B 185 11.62 -5.39 5.05
CA PRO B 185 10.23 -5.72 5.51
C PRO B 185 9.66 -6.89 4.70
N GLU B 186 10.13 -8.09 4.95
CA GLU B 186 9.78 -9.28 4.17
C GLU B 186 8.29 -9.65 4.19
N TYR B 187 7.65 -9.65 5.36
CA TYR B 187 6.26 -10.04 5.46
C TYR B 187 5.43 -9.02 6.15
N LEU B 188 4.21 -8.80 5.63
CA LEU B 188 3.22 -7.96 6.24
C LEU B 188 2.06 -8.85 6.76
N ILE B 189 1.84 -8.79 8.07
CA ILE B 189 0.78 -9.53 8.75
C ILE B 189 -0.37 -8.56 9.01
N THR B 190 -1.56 -8.86 8.46
CA THR B 190 -2.79 -8.09 8.69
C THR B 190 -3.59 -8.95 9.64
N PHE B 191 -4.04 -8.38 10.74
CA PHE B 191 -4.73 -9.16 11.77
C PHE B 191 -5.70 -8.28 12.55
N ARG B 192 -6.53 -8.91 13.37
CA ARG B 192 -7.46 -8.18 14.23
C ARG B 192 -7.48 -8.88 15.61
N LYS B 193 -8.19 -8.29 16.58
CA LYS B 193 -8.27 -8.84 17.94
C LYS B 193 -9.18 -10.06 18.02
#